data_3NIK
#
_entry.id   3NIK
#
_cell.length_a   44.534
_cell.length_b   44.534
_cell.length_c   139.636
_cell.angle_alpha   90.000
_cell.angle_beta   90.000
_cell.angle_gamma   120.000
#
_symmetry.space_group_name_H-M   'P 32'
#
loop_
_entity.id
_entity.type
_entity.pdbx_description
1 polymer 'E3 ubiquitin-protein ligase UBR1'
2 polymer 'Peptide REAA'
3 non-polymer 'ZINC ION'
4 water water
#
loop_
_entity_poly.entity_id
_entity_poly.type
_entity_poly.pdbx_seq_one_letter_code
_entity_poly.pdbx_strand_id
1 'polypeptide(L)'
;GSVHKHTGRNCGRKFKIGEPLYRCHECGCDDTCVLCIHCFNPKDHVNHHVCTDICTEFTSGICDCGDEEAWNSPLHCKAE
EQ
;
A,B,D,F
2 'polypeptide(L)' REAA X
#
loop_
_chem_comp.id
_chem_comp.type
_chem_comp.name
_chem_comp.formula
ZN non-polymer 'ZINC ION' 'Zn 2'
#
# COMPACT_ATOMS: atom_id res chain seq x y z
N GLY A 1 -13.33 4.06 -28.22
CA GLY A 1 -12.69 4.82 -27.11
C GLY A 1 -11.23 5.09 -27.42
N SER A 2 -10.61 5.96 -26.62
CA SER A 2 -9.18 6.19 -26.71
C SER A 2 -8.62 6.19 -25.30
N VAL A 3 -7.69 5.30 -25.02
CA VAL A 3 -7.18 5.17 -23.66
C VAL A 3 -5.69 4.85 -23.61
N HIS A 4 -4.96 5.52 -22.72
CA HIS A 4 -3.54 5.30 -22.58
C HIS A 4 -3.23 3.92 -21.98
N LYS A 5 -2.33 3.17 -22.63
CA LYS A 5 -1.80 1.93 -22.04
C LYS A 5 -0.65 2.30 -21.11
N HIS A 6 -0.50 1.56 -20.02
CA HIS A 6 0.64 1.75 -19.14
C HIS A 6 1.48 0.48 -19.07
N THR A 7 1.71 -0.16 -20.22
CA THR A 7 2.44 -1.42 -20.30
C THR A 7 3.78 -1.36 -19.58
N GLY A 8 4.05 -2.36 -18.73
CA GLY A 8 5.33 -2.51 -18.04
C GLY A 8 5.45 -1.73 -16.74
N ARG A 9 4.38 -1.04 -16.36
CA ARG A 9 4.34 -0.29 -15.12
C ARG A 9 2.91 -0.25 -14.56
N ASN A 10 2.75 0.38 -13.41
CA ASN A 10 1.44 0.58 -12.78
C ASN A 10 0.71 1.71 -13.49
N CYS A 11 -0.62 1.77 -13.32
CA CYS A 11 -1.41 2.87 -13.88
C CYS A 11 -1.13 4.15 -13.08
N GLY A 12 -1.56 4.16 -11.82
CA GLY A 12 -1.31 5.28 -10.92
C GLY A 12 -2.11 6.53 -11.22
N ARG A 13 -3.13 6.39 -12.06
CA ARG A 13 -3.99 7.51 -12.43
C ARG A 13 -4.74 8.06 -11.23
N LYS A 14 -4.60 9.36 -10.99
CA LYS A 14 -5.42 10.01 -9.97
C LYS A 14 -6.86 10.12 -10.46
N PHE A 15 -7.81 9.71 -9.63
CA PHE A 15 -9.22 9.72 -10.02
C PHE A 15 -9.71 11.15 -10.18
N LYS A 16 -10.65 11.33 -11.09
CA LYS A 16 -11.26 12.64 -11.30
C LYS A 16 -12.57 12.69 -10.54
N ILE A 17 -12.98 13.89 -10.13
CA ILE A 17 -14.26 14.08 -9.43
C ILE A 17 -15.41 13.46 -10.23
N GLY A 18 -16.22 12.63 -9.57
CA GLY A 18 -17.35 11.97 -10.21
C GLY A 18 -17.08 10.57 -10.73
N GLU A 19 -15.80 10.18 -10.79
CA GLU A 19 -15.39 8.90 -11.37
C GLU A 19 -15.51 7.73 -10.40
N PRO A 20 -15.83 6.53 -10.92
CA PRO A 20 -15.84 5.37 -10.06
C PRO A 20 -14.45 4.85 -9.69
N LEU A 21 -14.37 4.37 -8.46
CA LEU A 21 -13.26 3.58 -7.98
C LEU A 21 -13.71 2.14 -7.80
N TYR A 22 -13.23 1.25 -8.67
CA TYR A 22 -13.64 -0.15 -8.63
C TYR A 22 -12.85 -0.93 -7.60
N ARG A 23 -13.59 -1.74 -6.84
CA ARG A 23 -13.09 -2.54 -5.75
C ARG A 23 -13.51 -3.97 -6.06
N CYS A 24 -12.60 -4.93 -5.96
CA CYS A 24 -13.01 -6.34 -6.06
C CYS A 24 -12.64 -7.11 -4.82
N HIS A 25 -13.64 -7.68 -4.16
CA HIS A 25 -13.38 -8.41 -2.93
C HIS A 25 -12.40 -9.55 -3.16
N GLU A 26 -12.60 -10.29 -4.26
CA GLU A 26 -11.81 -11.47 -4.56
C GLU A 26 -10.40 -11.17 -5.05
N CYS A 27 -10.23 -10.11 -5.83
CA CYS A 27 -8.94 -9.81 -6.45
C CYS A 27 -8.02 -8.91 -5.63
N GLY A 28 -8.60 -7.98 -4.88
CA GLY A 28 -7.84 -6.97 -4.17
C GLY A 28 -7.09 -7.53 -2.97
N CYS A 29 -5.84 -7.11 -2.80
CA CYS A 29 -5.06 -7.44 -1.59
C CYS A 29 -5.83 -6.98 -0.35
N ASP A 30 -6.46 -5.82 -0.45
CA ASP A 30 -7.33 -5.30 0.59
C ASP A 30 -8.31 -4.31 -0.01
N ASP A 31 -9.16 -3.77 0.84
CA ASP A 31 -10.21 -2.87 0.37
C ASP A 31 -9.74 -1.45 -0.01
N THR A 32 -8.44 -1.15 0.13
CA THR A 32 -7.89 0.11 -0.39
C THR A 32 -7.45 -0.03 -1.85
N CYS A 33 -7.48 -1.26 -2.36
CA CYS A 33 -7.01 -1.56 -3.73
C CYS A 33 -8.11 -1.28 -4.75
N VAL A 34 -7.83 -0.37 -5.68
CA VAL A 34 -8.86 0.16 -6.59
C VAL A 34 -8.38 0.22 -8.03
N LEU A 35 -9.34 0.21 -8.95
CA LEU A 35 -9.09 0.27 -10.39
C LEU A 35 -9.90 1.38 -11.01
N CYS A 36 -9.28 2.08 -11.96
CA CYS A 36 -9.96 3.14 -12.69
C CYS A 36 -10.72 2.59 -13.88
N ILE A 37 -11.45 3.48 -14.52
CA ILE A 37 -12.33 3.12 -15.63
C ILE A 37 -11.57 2.73 -16.89
N HIS A 38 -10.35 3.24 -17.03
CA HIS A 38 -9.48 2.87 -18.15
C HIS A 38 -9.09 1.40 -18.03
N CYS A 39 -8.99 0.91 -16.79
CA CYS A 39 -8.31 -0.35 -16.49
C CYS A 39 -9.23 -1.51 -16.14
N PHE A 40 -10.26 -1.21 -15.36
CA PHE A 40 -11.16 -2.24 -14.83
C PHE A 40 -11.72 -3.06 -15.98
N ASN A 41 -11.47 -4.36 -15.95
CA ASN A 41 -11.92 -5.25 -17.02
C ASN A 41 -13.01 -6.17 -16.46
N PRO A 42 -14.27 -5.90 -16.84
CA PRO A 42 -15.38 -6.67 -16.27
C PRO A 42 -15.20 -8.19 -16.40
N LYS A 43 -14.49 -8.63 -17.43
CA LYS A 43 -14.24 -10.07 -17.66
C LYS A 43 -13.39 -10.73 -16.57
N ASP A 44 -12.49 -9.95 -15.95
CA ASP A 44 -11.68 -10.44 -14.84
C ASP A 44 -12.53 -10.75 -13.61
N HIS A 45 -13.72 -10.17 -13.53
CA HIS A 45 -14.50 -10.11 -12.29
C HIS A 45 -15.94 -10.60 -12.43
N VAL A 46 -16.18 -11.42 -13.45
CA VAL A 46 -17.50 -12.01 -13.73
C VAL A 46 -18.13 -12.71 -12.51
N ASN A 47 -17.33 -13.51 -11.83
CA ASN A 47 -17.80 -14.28 -10.69
C ASN A 47 -17.47 -13.61 -9.37
N HIS A 48 -17.20 -12.31 -9.42
CA HIS A 48 -16.66 -11.62 -8.25
C HIS A 48 -17.60 -10.56 -7.67
N HIS A 49 -17.39 -10.27 -6.39
CA HIS A 49 -18.11 -9.22 -5.68
C HIS A 49 -17.35 -7.92 -5.86
N VAL A 50 -17.91 -7.08 -6.74
CA VAL A 50 -17.31 -5.80 -7.14
C VAL A 50 -18.20 -4.67 -6.66
N CYS A 51 -17.57 -3.59 -6.20
CA CYS A 51 -18.33 -2.40 -5.87
C CYS A 51 -17.60 -1.14 -6.31
N THR A 52 -18.38 -0.09 -6.58
CA THR A 52 -17.77 1.18 -6.94
C THR A 52 -17.97 2.21 -5.84
N ASP A 53 -16.93 3.02 -5.65
CA ASP A 53 -17.07 4.26 -4.94
C ASP A 53 -17.03 5.38 -5.97
N ILE A 54 -17.39 6.59 -5.56
CA ILE A 54 -17.30 7.74 -6.43
C ILE A 54 -16.34 8.77 -5.85
N CYS A 55 -15.48 9.28 -6.72
CA CYS A 55 -14.46 10.24 -6.32
C CYS A 55 -15.07 11.59 -5.96
N THR A 56 -14.70 12.08 -4.77
CA THR A 56 -15.11 13.37 -4.25
C THR A 56 -13.87 14.03 -3.62
N GLU A 57 -14.06 15.11 -2.88
CA GLU A 57 -12.96 15.81 -2.21
C GLU A 57 -12.31 14.96 -1.14
N PHE A 58 -13.10 14.09 -0.52
CA PHE A 58 -12.68 13.28 0.61
C PHE A 58 -12.41 11.84 0.24
N THR A 59 -12.97 11.40 -0.88
CA THR A 59 -12.64 10.08 -1.44
C THR A 59 -11.86 10.26 -2.74
N SER A 60 -10.56 9.99 -2.63
CA SER A 60 -9.64 10.20 -3.73
C SER A 60 -8.75 8.97 -3.86
N GLY A 61 -7.73 9.07 -4.71
CA GLY A 61 -6.70 8.05 -4.75
C GLY A 61 -6.10 7.89 -6.12
N ILE A 62 -5.40 6.78 -6.30
CA ILE A 62 -4.79 6.46 -7.58
C ILE A 62 -5.05 5.01 -7.93
N CYS A 63 -5.14 4.73 -9.23
CA CYS A 63 -5.43 3.40 -9.73
C CYS A 63 -4.27 2.45 -9.46
N ASP A 64 -4.58 1.25 -8.97
CA ASP A 64 -3.57 0.23 -8.63
C ASP A 64 -3.34 -0.81 -9.71
N CYS A 65 -3.99 -0.67 -10.87
CA CYS A 65 -3.74 -1.59 -11.97
C CYS A 65 -2.23 -1.64 -12.27
N GLY A 66 -1.67 -2.84 -12.36
CA GLY A 66 -0.23 -2.95 -12.69
C GLY A 66 0.71 -2.88 -11.50
N ASP A 67 0.14 -2.69 -10.31
CA ASP A 67 0.87 -2.85 -9.05
C ASP A 67 0.59 -4.24 -8.52
N GLU A 68 1.53 -5.16 -8.73
CA GLU A 68 1.32 -6.58 -8.46
C GLU A 68 1.10 -6.85 -6.98
N GLU A 69 1.56 -5.95 -6.12
CA GLU A 69 1.36 -6.12 -4.70
C GLU A 69 -0.07 -5.78 -4.24
N ALA A 70 -0.86 -5.18 -5.13
CA ALA A 70 -2.25 -4.85 -4.79
C ALA A 70 -3.26 -5.96 -5.17
N TRP A 71 -2.79 -7.00 -5.84
CA TRP A 71 -3.72 -7.95 -6.46
C TRP A 71 -3.37 -9.40 -6.25
N ASN A 72 -4.39 -10.17 -5.87
CA ASN A 72 -4.30 -11.61 -5.63
C ASN A 72 -4.19 -12.41 -6.92
N SER A 73 -4.84 -11.92 -7.97
CA SER A 73 -4.96 -12.64 -9.24
C SER A 73 -4.46 -11.78 -10.38
N PRO A 74 -4.07 -12.41 -11.51
CA PRO A 74 -3.60 -11.58 -12.62
C PRO A 74 -4.73 -10.73 -13.19
N LEU A 75 -4.47 -9.43 -13.38
CA LEU A 75 -5.44 -8.56 -14.05
C LEU A 75 -5.14 -8.40 -15.53
N HIS A 76 -6.19 -8.22 -16.32
CA HIS A 76 -6.03 -7.99 -17.75
C HIS A 76 -6.53 -6.58 -18.05
N CYS A 77 -5.64 -5.61 -17.91
CA CYS A 77 -5.97 -4.21 -18.04
C CYS A 77 -6.78 -3.99 -19.32
N LYS A 78 -7.97 -3.40 -19.15
CA LYS A 78 -8.87 -3.08 -20.27
C LYS A 78 -8.20 -2.24 -21.36
N ALA A 79 -7.34 -1.32 -20.96
CA ALA A 79 -6.63 -0.46 -21.93
C ALA A 79 -5.81 -1.26 -22.93
N GLU A 80 -5.35 -2.43 -22.53
CA GLU A 80 -4.53 -3.28 -23.40
C GLU A 80 -5.35 -3.96 -24.50
N GLU A 81 -6.67 -3.97 -24.35
CA GLU A 81 -7.54 -4.66 -25.31
C GLU A 81 -7.64 -3.92 -26.65
N GLN A 82 -7.86 -4.68 -27.71
CA GLN A 82 -7.93 -4.18 -29.10
C GLN A 82 -9.37 -4.17 -29.59
N GLY B 1 -4.00 3.23 -4.62
CA GLY B 1 -4.93 2.98 -3.48
C GLY B 1 -5.93 4.09 -3.30
N SER B 2 -7.00 3.78 -2.59
CA SER B 2 -8.03 4.75 -2.24
C SER B 2 -7.70 5.45 -0.93
N VAL B 3 -8.18 6.68 -0.78
CA VAL B 3 -7.96 7.50 0.39
C VAL B 3 -9.32 8.06 0.83
N HIS B 4 -9.71 7.76 2.07
CA HIS B 4 -10.95 8.27 2.67
C HIS B 4 -10.59 9.09 3.91
N LYS B 5 -10.53 10.40 3.76
CA LYS B 5 -10.14 11.27 4.88
C LYS B 5 -11.32 11.56 5.82
N HIS B 6 -11.08 11.53 7.12
CA HIS B 6 -12.08 11.93 8.10
C HIS B 6 -11.51 12.96 9.07
N THR B 7 -10.75 13.92 8.51
CA THR B 7 -10.08 14.94 9.31
C THR B 7 -11.05 15.65 10.25
N GLY B 8 -10.71 15.74 11.52
CA GLY B 8 -11.52 16.50 12.49
C GLY B 8 -12.59 15.69 13.22
N ARG B 9 -12.75 14.43 12.83
CA ARG B 9 -13.72 13.53 13.46
C ARG B 9 -13.16 12.11 13.52
N ASN B 10 -13.89 11.22 14.19
CA ASN B 10 -13.51 9.82 14.25
C ASN B 10 -13.82 9.15 12.91
N CYS B 11 -13.21 7.99 12.66
CA CYS B 11 -13.53 7.19 11.49
C CYS B 11 -14.91 6.56 11.68
N GLY B 12 -15.01 5.67 12.66
CA GLY B 12 -16.26 4.98 12.97
C GLY B 12 -16.78 4.00 11.93
N ARG B 13 -15.95 3.61 10.96
CA ARG B 13 -16.37 2.66 9.94
C ARG B 13 -16.74 1.31 10.56
N LYS B 14 -17.94 0.81 10.23
CA LYS B 14 -18.39 -0.49 10.71
C LYS B 14 -17.78 -1.59 9.84
N PHE B 15 -17.22 -2.61 10.48
CA PHE B 15 -16.63 -3.71 9.74
C PHE B 15 -17.70 -4.59 9.13
N LYS B 16 -17.49 -4.98 7.88
CA LYS B 16 -18.38 -5.93 7.20
C LYS B 16 -17.73 -7.29 7.33
N ILE B 17 -18.53 -8.35 7.25
CA ILE B 17 -18.02 -9.72 7.42
C ILE B 17 -16.82 -9.99 6.50
N GLY B 18 -15.76 -10.56 7.07
CA GLY B 18 -14.57 -10.91 6.31
C GLY B 18 -13.50 -9.85 6.33
N GLU B 19 -13.86 -8.66 6.84
CA GLU B 19 -12.91 -7.54 6.90
C GLU B 19 -11.99 -7.61 8.12
N PRO B 20 -10.74 -7.14 7.98
CA PRO B 20 -9.79 -7.18 9.09
C PRO B 20 -10.01 -6.08 10.14
N LEU B 21 -9.79 -6.44 11.40
CA LEU B 21 -9.76 -5.51 12.53
C LEU B 21 -8.36 -5.51 13.11
N TYR B 22 -7.71 -4.34 13.12
CA TYR B 22 -6.35 -4.20 13.65
C TYR B 22 -6.33 -3.82 15.11
N ARG B 23 -5.60 -4.59 15.91
CA ARG B 23 -5.33 -4.22 17.29
C ARG B 23 -3.85 -4.00 17.54
N CYS B 24 -3.54 -2.99 18.36
CA CYS B 24 -2.19 -2.79 18.85
C CYS B 24 -2.21 -2.86 20.38
N HIS B 25 -1.43 -3.79 20.93
CA HIS B 25 -1.39 -3.97 22.38
C HIS B 25 -0.92 -2.71 23.12
N GLU B 26 0.11 -2.07 22.58
CA GLU B 26 0.69 -0.88 23.20
C GLU B 26 -0.21 0.35 23.10
N CYS B 27 -0.80 0.57 21.92
CA CYS B 27 -1.54 1.80 21.66
C CYS B 27 -2.98 1.81 22.19
N GLY B 28 -3.67 0.68 22.07
CA GLY B 28 -5.06 0.59 22.53
C GLY B 28 -5.19 0.77 24.04
N CYS B 29 -6.07 1.67 24.45
CA CYS B 29 -6.33 1.87 25.88
C CYS B 29 -6.89 0.59 26.51
N ASP B 30 -7.64 -0.16 25.71
CA ASP B 30 -8.10 -1.49 26.09
C ASP B 30 -8.15 -2.38 24.84
N ASP B 31 -8.45 -3.67 25.05
CA ASP B 31 -8.49 -4.63 23.94
C ASP B 31 -9.73 -4.53 23.05
N THR B 32 -10.60 -3.54 23.31
CA THR B 32 -11.74 -3.29 22.42
C THR B 32 -11.38 -2.28 21.32
N CYS B 33 -10.24 -1.61 21.51
CA CYS B 33 -9.80 -0.54 20.60
C CYS B 33 -9.23 -1.10 19.29
N VAL B 34 -9.80 -0.67 18.16
CA VAL B 34 -9.47 -1.26 16.87
C VAL B 34 -9.37 -0.22 15.76
N LEU B 35 -8.66 -0.59 14.70
CA LEU B 35 -8.48 0.25 13.52
C LEU B 35 -8.85 -0.50 12.25
N CYS B 36 -9.41 0.23 11.28
CA CYS B 36 -9.67 -0.36 9.98
C CYS B 36 -8.46 -0.22 9.06
N ILE B 37 -8.50 -0.94 7.95
CA ILE B 37 -7.44 -0.93 6.92
C ILE B 37 -7.19 0.48 6.34
N HIS B 38 -8.25 1.28 6.29
CA HIS B 38 -8.15 2.61 5.69
C HIS B 38 -7.44 3.58 6.62
N CYS B 39 -7.33 3.22 7.89
CA CYS B 39 -6.74 4.07 8.91
C CYS B 39 -5.41 3.60 9.51
N PHE B 40 -5.27 2.28 9.70
CA PHE B 40 -4.10 1.69 10.37
C PHE B 40 -2.79 2.14 9.73
N ASN B 41 -1.94 2.81 10.52
CA ASN B 41 -0.66 3.35 10.02
C ASN B 41 0.56 2.67 10.66
N PRO B 42 1.20 1.75 9.91
CA PRO B 42 2.38 0.98 10.34
C PRO B 42 3.42 1.80 11.12
N LYS B 43 3.67 3.03 10.70
CA LYS B 43 4.63 3.93 11.34
C LYS B 43 4.35 4.16 12.83
N ASP B 44 3.07 4.11 13.21
CA ASP B 44 2.66 4.28 14.59
C ASP B 44 3.00 3.04 15.42
N HIS B 45 3.21 1.91 14.75
CA HIS B 45 3.28 0.61 15.43
C HIS B 45 4.48 -0.26 15.06
N VAL B 46 5.61 0.38 14.77
CA VAL B 46 6.83 -0.31 14.32
C VAL B 46 7.36 -1.30 15.37
N ASN B 47 7.52 -0.82 16.59
CA ASN B 47 8.03 -1.65 17.68
C ASN B 47 6.90 -2.33 18.45
N HIS B 48 5.71 -2.38 17.85
CA HIS B 48 4.50 -2.75 18.58
C HIS B 48 3.94 -4.15 18.30
N HIS B 49 3.23 -4.69 19.29
CA HIS B 49 2.55 -5.97 19.17
C HIS B 49 1.15 -5.79 18.60
N VAL B 50 1.01 -6.14 17.33
CA VAL B 50 -0.21 -5.92 16.59
C VAL B 50 -0.80 -7.25 16.14
N CYS B 51 -2.13 -7.32 16.10
CA CYS B 51 -2.80 -8.49 15.56
C CYS B 51 -4.06 -8.12 14.79
N THR B 52 -4.35 -8.91 13.75
CA THR B 52 -5.55 -8.76 12.97
C THR B 52 -6.54 -9.84 13.34
N ASP B 53 -7.78 -9.42 13.59
CA ASP B 53 -8.90 -10.34 13.72
C ASP B 53 -9.76 -10.21 12.46
N ILE B 54 -10.70 -11.13 12.27
CA ILE B 54 -11.54 -11.09 11.08
C ILE B 54 -12.99 -10.90 11.51
N CYS B 55 -13.65 -9.93 10.88
CA CYS B 55 -15.03 -9.63 11.19
C CYS B 55 -15.96 -10.80 10.87
N THR B 56 -16.71 -11.23 11.87
CA THR B 56 -17.75 -12.25 11.69
C THR B 56 -19.06 -11.74 12.26
N GLU B 57 -20.10 -12.57 12.18
CA GLU B 57 -21.39 -12.29 12.82
C GLU B 57 -21.23 -11.93 14.29
N PHE B 58 -20.33 -12.63 14.99
CA PHE B 58 -20.13 -12.43 16.42
C PHE B 58 -18.97 -11.48 16.75
N THR B 59 -18.13 -11.21 15.75
CA THR B 59 -16.97 -10.32 15.90
C THR B 59 -17.20 -9.10 15.02
N SER B 60 -17.76 -8.06 15.63
CA SER B 60 -18.22 -6.89 14.91
C SER B 60 -17.68 -5.63 15.56
N GLY B 61 -17.93 -4.49 14.94
CA GLY B 61 -17.55 -3.24 15.55
C GLY B 61 -17.32 -2.10 14.59
N ILE B 62 -16.71 -1.04 15.12
CA ILE B 62 -16.39 0.16 14.36
C ILE B 62 -14.97 0.64 14.67
N CYS B 63 -14.35 1.28 13.68
CA CYS B 63 -12.98 1.79 13.77
C CYS B 63 -12.85 2.98 14.73
N ASP B 64 -11.83 2.94 15.59
CA ASP B 64 -11.62 3.98 16.61
C ASP B 64 -10.61 5.05 16.21
N CYS B 65 -10.17 5.05 14.96
CA CYS B 65 -9.24 6.08 14.47
C CYS B 65 -9.86 7.46 14.66
N GLY B 66 -9.12 8.38 15.30
CA GLY B 66 -9.64 9.73 15.58
C GLY B 66 -10.54 9.88 16.79
N ASP B 67 -10.67 8.80 17.58
CA ASP B 67 -11.25 8.88 18.91
C ASP B 67 -10.08 8.98 19.89
N GLU B 68 -9.79 10.20 20.35
CA GLU B 68 -8.59 10.42 21.18
C GLU B 68 -8.63 9.79 22.57
N GLU B 69 -9.75 9.22 22.94
CA GLU B 69 -9.84 8.47 24.19
C GLU B 69 -9.56 6.97 24.01
N ALA B 70 -9.37 6.53 22.76
CA ALA B 70 -9.16 5.10 22.47
C ALA B 70 -7.69 4.71 22.40
N TRP B 71 -6.79 5.67 22.39
CA TRP B 71 -5.37 5.38 22.16
C TRP B 71 -4.43 6.06 23.14
N ASN B 72 -3.44 5.30 23.60
CA ASN B 72 -2.46 5.78 24.59
C ASN B 72 -1.56 6.89 24.04
N SER B 73 -1.33 6.85 22.72
CA SER B 73 -0.48 7.80 22.03
C SER B 73 -1.20 8.36 20.80
N PRO B 74 -0.84 9.58 20.37
CA PRO B 74 -1.42 10.16 19.15
C PRO B 74 -1.16 9.31 17.90
N LEU B 75 -2.25 8.95 17.23
CA LEU B 75 -2.16 8.21 15.97
C LEU B 75 -2.09 9.17 14.80
N HIS B 76 -1.61 8.66 13.67
CA HIS B 76 -1.58 9.42 12.44
C HIS B 76 -2.27 8.58 11.37
N CYS B 77 -3.54 8.88 11.14
CA CYS B 77 -4.38 8.12 10.18
C CYS B 77 -3.64 7.93 8.87
N LYS B 78 -3.72 6.72 8.31
CA LYS B 78 -3.03 6.38 7.05
C LYS B 78 -3.47 7.32 5.93
N ALA B 79 -4.76 7.67 5.91
CA ALA B 79 -5.36 8.47 4.85
C ALA B 79 -4.82 9.89 4.80
N GLU B 80 -4.29 10.37 5.92
CA GLU B 80 -3.73 11.72 6.01
C GLU B 80 -2.37 11.85 5.31
N GLU B 81 -1.93 10.76 4.69
CA GLU B 81 -0.81 10.80 3.75
C GLU B 81 -1.38 11.06 2.36
N GLN B 82 -0.97 12.19 1.77
CA GLN B 82 -1.60 12.72 0.55
C GLN B 82 -1.43 11.82 -0.68
N GLY C 1 10.59 11.50 -22.21
CA GLY C 1 10.41 10.34 -23.11
C GLY C 1 9.00 10.28 -23.65
N SER C 2 8.87 10.10 -24.97
CA SER C 2 7.57 10.07 -25.64
C SER C 2 6.57 9.16 -24.95
N VAL C 3 6.99 7.94 -24.62
CA VAL C 3 6.13 6.98 -23.92
C VAL C 3 5.74 7.46 -22.51
N HIS C 4 6.60 8.29 -21.92
CA HIS C 4 6.43 8.73 -20.54
C HIS C 4 5.56 9.99 -20.42
N LYS C 5 5.22 10.58 -21.57
CA LYS C 5 4.38 11.77 -21.64
C LYS C 5 2.97 11.49 -21.09
N HIS C 6 2.52 12.33 -20.15
CA HIS C 6 1.25 12.10 -19.45
C HIS C 6 0.38 13.37 -19.39
N THR C 7 0.38 14.15 -20.47
CA THR C 7 -0.36 15.40 -20.56
C THR C 7 -1.83 15.28 -20.14
N GLY C 8 -2.28 16.20 -19.30
CA GLY C 8 -3.68 16.25 -18.87
C GLY C 8 -3.96 15.43 -17.63
N ARG C 9 -2.93 14.80 -17.09
CA ARG C 9 -3.08 13.97 -15.90
C ARG C 9 -1.77 13.90 -15.10
N ASN C 10 -1.82 13.15 -14.01
CA ASN C 10 -0.65 12.91 -13.18
C ASN C 10 0.20 11.78 -13.77
N CYS C 11 1.48 11.75 -13.38
CA CYS C 11 2.35 10.66 -13.82
C CYS C 11 1.99 9.37 -13.12
N GLY C 12 2.12 9.37 -11.79
CA GLY C 12 1.68 8.27 -10.93
C GLY C 12 2.54 7.03 -10.93
N ARG C 13 3.73 7.12 -11.53
CA ARG C 13 4.62 5.97 -11.63
C ARG C 13 5.01 5.44 -10.25
N LYS C 14 4.83 4.14 -10.03
CA LYS C 14 5.29 3.53 -8.79
C LYS C 14 6.76 3.18 -8.93
N PHE C 15 7.59 3.66 -8.02
CA PHE C 15 9.03 3.36 -8.03
C PHE C 15 9.33 1.91 -7.67
N LYS C 16 10.31 1.35 -8.36
CA LYS C 16 10.79 -0.01 -8.14
C LYS C 16 12.18 0.07 -7.52
N ILE C 17 12.58 -0.97 -6.80
CA ILE C 17 13.85 -0.96 -6.07
C ILE C 17 15.04 -0.54 -6.95
N GLY C 18 15.84 0.39 -6.43
CA GLY C 18 17.02 0.91 -7.14
C GLY C 18 16.77 2.17 -7.96
N GLU C 19 15.51 2.49 -8.22
CA GLU C 19 15.18 3.69 -8.99
C GLU C 19 15.26 4.94 -8.14
N PRO C 20 15.65 6.07 -8.74
CA PRO C 20 15.78 7.33 -8.02
C PRO C 20 14.44 8.04 -7.79
N LEU C 21 14.33 8.69 -6.64
CA LEU C 21 13.23 9.62 -6.37
C LEU C 21 13.81 11.00 -6.15
N TYR C 22 13.31 11.97 -6.91
CA TYR C 22 13.76 13.35 -6.80
C TYR C 22 12.81 14.18 -5.93
N ARG C 23 13.40 14.96 -5.01
CA ARG C 23 12.66 15.94 -4.22
C ARG C 23 13.30 17.30 -4.35
N CYS C 24 12.47 18.34 -4.41
CA CYS C 24 12.94 19.72 -4.41
C CYS C 24 12.38 20.42 -3.18
N HIS C 25 13.25 21.07 -2.41
CA HIS C 25 12.81 21.85 -1.28
C HIS C 25 11.83 22.96 -1.67
N GLU C 26 12.21 23.78 -2.64
CA GLU C 26 11.39 24.92 -3.03
C GLU C 26 10.03 24.53 -3.65
N CYS C 27 10.03 23.48 -4.46
CA CYS C 27 8.85 23.14 -5.26
C CYS C 27 7.86 22.22 -4.53
N GLY C 28 8.36 21.25 -3.77
CA GLY C 28 7.49 20.30 -3.05
C GLY C 28 6.63 20.93 -1.98
N CYS C 29 5.31 20.79 -2.09
CA CYS C 29 4.39 21.28 -1.05
C CYS C 29 4.85 20.83 0.34
N ASP C 30 5.31 19.59 0.42
CA ASP C 30 5.95 19.09 1.62
C ASP C 30 7.04 18.09 1.25
N ASP C 31 7.65 17.45 2.24
CA ASP C 31 8.77 16.55 1.95
C ASP C 31 8.37 15.16 1.45
N THR C 32 7.06 14.94 1.25
CA THR C 32 6.59 13.67 0.68
C THR C 32 6.34 13.75 -0.83
N CYS C 33 6.51 14.94 -1.40
CA CYS C 33 6.24 15.15 -2.81
C CYS C 33 7.47 14.76 -3.63
N VAL C 34 7.28 13.88 -4.62
CA VAL C 34 8.41 13.31 -5.35
C VAL C 34 8.22 13.28 -6.89
N LEU C 35 9.36 13.28 -7.60
CA LEU C 35 9.37 13.16 -9.06
C LEU C 35 10.22 11.97 -9.54
N CYS C 36 9.75 11.30 -10.60
CA CYS C 36 10.50 10.20 -11.21
C CYS C 36 11.52 10.74 -12.24
N ILE C 37 12.42 9.87 -12.67
CA ILE C 37 13.49 10.23 -13.62
C ILE C 37 12.97 10.73 -14.99
N HIS C 38 11.80 10.25 -15.41
CA HIS C 38 11.23 10.66 -16.69
C HIS C 38 10.54 12.02 -16.63
N CYS C 39 10.23 12.46 -15.41
CA CYS C 39 9.48 13.70 -15.20
C CYS C 39 10.33 14.87 -14.72
N PHE C 40 11.22 14.58 -13.78
CA PHE C 40 12.10 15.62 -13.21
C PHE C 40 12.83 16.37 -14.34
N ASN C 41 12.66 17.69 -14.34
CA ASN C 41 13.27 18.55 -15.34
C ASN C 41 14.34 19.45 -14.69
N PRO C 42 15.63 19.11 -14.90
CA PRO C 42 16.75 19.84 -14.27
C PRO C 42 16.61 21.36 -14.37
N LYS C 43 15.96 21.82 -15.44
CA LYS C 43 15.73 23.24 -15.74
C LYS C 43 14.77 23.96 -14.76
N ASP C 44 13.76 23.23 -14.28
CA ASP C 44 12.83 23.78 -13.30
C ASP C 44 13.52 24.04 -11.96
N HIS C 45 14.61 23.32 -11.71
CA HIS C 45 15.21 23.24 -10.39
C HIS C 45 16.72 23.52 -10.37
N VAL C 46 17.22 24.26 -11.36
CA VAL C 46 18.68 24.52 -11.49
C VAL C 46 19.27 25.08 -10.19
N ASN C 47 18.62 26.13 -9.67
CA ASN C 47 19.03 26.79 -8.44
C ASN C 47 18.14 26.46 -7.23
N HIS C 48 17.60 25.25 -7.23
CA HIS C 48 16.82 24.78 -6.11
C HIS C 48 17.59 23.70 -5.37
N HIS C 49 17.23 23.49 -4.11
CA HIS C 49 17.85 22.45 -3.29
C HIS C 49 17.21 21.09 -3.55
N VAL C 50 17.88 20.29 -4.38
CA VAL C 50 17.33 19.00 -4.81
C VAL C 50 18.03 17.86 -4.08
N CYS C 51 17.28 16.80 -3.79
CA CYS C 51 17.87 15.57 -3.26
C CYS C 51 17.28 14.36 -3.97
N THR C 52 18.14 13.37 -4.18
CA THR C 52 17.72 12.13 -4.80
C THR C 52 17.85 11.00 -3.77
N ASP C 53 16.76 10.25 -3.58
CA ASP C 53 16.80 9.04 -2.75
C ASP C 53 16.78 7.85 -3.70
N ILE C 54 17.09 6.67 -3.17
CA ILE C 54 17.03 5.44 -3.96
C ILE C 54 15.96 4.53 -3.39
N CYS C 55 15.05 4.08 -4.25
CA CYS C 55 13.91 3.26 -3.82
C CYS C 55 14.40 2.00 -3.10
N THR C 56 13.88 1.78 -1.91
CA THR C 56 14.21 0.59 -1.10
C THR C 56 13.07 -0.41 -1.12
N GLU C 57 13.31 -1.58 -0.51
CA GLU C 57 12.31 -2.61 -0.29
C GLU C 57 11.02 -2.10 0.33
N PHE C 58 11.13 -1.07 1.17
CA PHE C 58 9.97 -0.53 1.87
C PHE C 58 9.31 0.64 1.14
N THR C 59 10.08 1.35 0.33
CA THR C 59 9.61 2.55 -0.35
C THR C 59 8.29 2.27 -1.05
N SER C 60 7.27 3.04 -0.65
CA SER C 60 6.01 3.01 -1.36
C SER C 60 5.74 4.42 -1.91
N GLY C 61 6.24 4.66 -3.11
CA GLY C 61 6.19 5.99 -3.68
C GLY C 61 5.54 5.97 -5.04
N ILE C 62 4.84 7.05 -5.33
CA ILE C 62 4.38 7.27 -6.69
C ILE C 62 4.77 8.70 -7.06
N CYS C 63 5.13 8.88 -8.32
CA CYS C 63 5.53 10.17 -8.85
C CYS C 63 4.37 11.17 -8.86
N ASP C 64 4.62 12.35 -8.28
CA ASP C 64 3.58 13.38 -8.14
C ASP C 64 3.53 14.37 -9.30
N CYS C 65 4.34 14.15 -10.33
CA CYS C 65 4.29 15.04 -11.49
C CYS C 65 2.86 15.12 -12.04
N GLY C 66 2.37 16.34 -12.23
CA GLY C 66 1.04 16.55 -12.80
C GLY C 66 -0.08 16.54 -11.77
N ASP C 67 0.29 16.35 -10.50
CA ASP C 67 -0.65 16.52 -9.40
C ASP C 67 -0.39 17.89 -8.78
N GLU C 68 -1.18 18.88 -9.19
CA GLU C 68 -0.95 20.31 -8.89
C GLU C 68 -0.83 20.58 -7.41
N GLU C 69 -1.60 19.83 -6.61
CA GLU C 69 -1.62 19.96 -5.14
C GLU C 69 -0.27 19.62 -4.48
N ALA C 70 0.59 18.93 -5.20
CA ALA C 70 1.87 18.48 -4.66
C ALA C 70 3.00 19.52 -4.81
N TRP C 71 2.73 20.63 -5.51
CA TRP C 71 3.79 21.56 -5.94
C TRP C 71 3.44 23.03 -5.74
N ASN C 72 4.44 23.84 -5.40
CA ASN C 72 4.27 25.28 -5.16
C ASN C 72 4.38 26.11 -6.42
N SER C 73 4.91 25.51 -7.48
CA SER C 73 5.13 26.20 -8.74
C SER C 73 4.90 25.25 -9.90
N PRO C 74 4.46 25.80 -11.05
CA PRO C 74 4.26 24.99 -12.25
C PRO C 74 5.53 24.24 -12.62
N LEU C 75 5.39 22.93 -12.83
CA LEU C 75 6.50 22.11 -13.32
C LEU C 75 6.35 22.00 -14.81
N HIS C 76 7.47 21.75 -15.48
CA HIS C 76 7.46 21.49 -16.91
C HIS C 76 8.03 20.11 -17.13
N CYS C 77 7.12 19.13 -17.18
CA CYS C 77 7.50 17.71 -17.26
C CYS C 77 8.50 17.44 -18.37
N LYS C 78 9.59 16.77 -18.02
CA LYS C 78 10.65 16.45 -18.95
C LYS C 78 10.14 15.68 -20.17
N ALA C 79 9.10 14.86 -19.98
CA ALA C 79 8.54 14.06 -21.05
C ALA C 79 7.76 14.89 -22.08
N GLU C 80 7.45 16.14 -21.73
CA GLU C 80 6.76 17.06 -22.64
C GLU C 80 7.71 17.68 -23.67
N GLU C 81 9.02 17.56 -23.44
CA GLU C 81 10.02 18.12 -24.35
C GLU C 81 9.99 17.43 -25.72
N GLN C 82 9.77 18.24 -26.77
CA GLN C 82 9.87 17.81 -28.17
C GLN C 82 10.03 19.03 -29.08
N VAL D 3 17.25 -7.95 -3.18
CA VAL D 3 18.21 -7.87 -2.03
C VAL D 3 18.03 -9.03 -1.03
N HIS D 4 16.78 -9.42 -0.80
CA HIS D 4 16.42 -10.39 0.23
C HIS D 4 15.88 -11.70 -0.34
N LYS D 5 15.94 -11.83 -1.66
CA LYS D 5 15.51 -13.06 -2.35
C LYS D 5 16.27 -14.31 -1.89
N HIS D 6 15.55 -15.43 -1.80
CA HIS D 6 16.12 -16.71 -1.37
C HIS D 6 15.49 -17.86 -2.16
N THR D 7 15.10 -17.59 -3.39
CA THR D 7 14.44 -18.59 -4.24
C THR D 7 15.31 -19.83 -4.41
N GLY D 8 14.70 -21.00 -4.21
CA GLY D 8 15.42 -22.27 -4.24
C GLY D 8 15.73 -22.81 -2.84
N ARG D 9 15.52 -21.96 -1.84
CA ARG D 9 15.80 -22.34 -0.46
C ARG D 9 14.89 -21.63 0.54
N ASN D 10 15.12 -21.90 1.82
CA ASN D 10 14.42 -21.25 2.91
C ASN D 10 15.01 -19.87 3.16
N CYS D 11 14.24 -19.02 3.83
CA CYS D 11 14.76 -17.71 4.19
C CYS D 11 15.77 -17.85 5.33
N GLY D 12 15.31 -18.41 6.44
CA GLY D 12 16.16 -18.70 7.60
C GLY D 12 16.79 -17.52 8.33
N ARG D 13 16.26 -16.31 8.11
CA ARG D 13 16.79 -15.14 8.76
C ARG D 13 16.62 -15.24 10.28
N LYS D 14 17.70 -15.01 11.00
CA LYS D 14 17.65 -14.93 12.45
C LYS D 14 17.27 -13.50 12.83
N PHE D 15 16.14 -13.35 13.53
CA PHE D 15 15.65 -12.02 13.93
C PHE D 15 16.60 -11.33 14.92
N LYS D 16 16.78 -10.02 14.77
CA LYS D 16 17.59 -9.24 15.70
C LYS D 16 16.67 -8.56 16.71
N ILE D 17 17.16 -8.39 17.95
CA ILE D 17 16.31 -7.88 19.03
C ILE D 17 15.56 -6.62 18.58
N GLY D 18 14.22 -6.64 18.75
CA GLY D 18 13.39 -5.51 18.38
C GLY D 18 12.73 -5.58 17.00
N GLU D 19 13.15 -6.55 16.19
CA GLU D 19 12.57 -6.75 14.85
C GLU D 19 11.28 -7.57 14.93
N PRO D 20 10.32 -7.30 14.02
CA PRO D 20 9.02 -7.94 14.14
C PRO D 20 9.00 -9.35 13.53
N LEU D 21 8.11 -10.20 14.04
CA LEU D 21 7.89 -11.56 13.56
C LEU D 21 6.42 -11.76 13.25
N TYR D 22 6.12 -12.27 12.06
CA TYR D 22 4.73 -12.51 11.67
C TYR D 22 4.34 -13.98 11.83
N ARG D 23 3.19 -14.18 12.48
CA ARG D 23 2.52 -15.48 12.56
C ARG D 23 1.15 -15.38 11.89
N CYS D 24 0.79 -16.39 11.09
CA CYS D 24 -0.55 -16.53 10.52
C CYS D 24 -1.18 -17.85 10.96
N HIS D 25 -2.38 -17.77 11.54
CA HIS D 25 -3.11 -18.93 12.06
C HIS D 25 -3.57 -19.89 10.95
N GLU D 26 -4.04 -19.34 9.84
CA GLU D 26 -4.52 -20.13 8.71
C GLU D 26 -3.40 -20.81 7.92
N CYS D 27 -2.32 -20.08 7.67
CA CYS D 27 -1.23 -20.56 6.82
C CYS D 27 -0.20 -21.42 7.55
N GLY D 28 0.10 -21.07 8.80
CA GLY D 28 1.10 -21.80 9.57
C GLY D 28 0.70 -23.24 9.82
N CYS D 29 1.62 -24.18 9.63
CA CYS D 29 1.34 -25.58 10.00
C CYS D 29 1.08 -25.70 11.50
N ASP D 30 1.92 -25.03 12.28
CA ASP D 30 1.70 -24.86 13.72
C ASP D 30 2.03 -23.44 14.19
N ASP D 31 1.81 -23.17 15.48
CA ASP D 31 2.02 -21.84 16.10
C ASP D 31 3.47 -21.34 16.08
N THR D 32 4.41 -22.17 15.61
CA THR D 32 5.83 -21.81 15.63
C THR D 32 6.38 -21.36 14.29
N CYS D 33 5.55 -21.48 13.24
CA CYS D 33 5.93 -21.05 11.90
C CYS D 33 5.85 -19.52 11.82
N VAL D 34 6.95 -18.90 11.38
CA VAL D 34 7.08 -17.44 11.39
C VAL D 34 7.61 -16.87 10.07
N LEU D 35 7.32 -15.60 9.84
CA LEU D 35 7.79 -14.87 8.68
C LEU D 35 8.43 -13.55 9.08
N CYS D 36 9.55 -13.22 8.43
CA CYS D 36 10.20 -11.92 8.59
C CYS D 36 9.53 -10.85 7.73
N ILE D 37 9.86 -9.59 8.02
CA ILE D 37 9.30 -8.43 7.30
C ILE D 37 9.62 -8.41 5.81
N HIS D 38 10.74 -9.02 5.43
CA HIS D 38 11.17 -9.03 4.04
C HIS D 38 10.41 -10.07 3.24
N CYS D 39 9.79 -11.03 3.94
CA CYS D 39 9.13 -12.15 3.28
C CYS D 39 7.61 -12.08 3.34
N PHE D 40 7.08 -11.61 4.47
CA PHE D 40 5.64 -11.57 4.69
C PHE D 40 4.95 -10.79 3.58
N ASN D 41 4.05 -11.44 2.86
CA ASN D 41 3.33 -10.78 1.77
C ASN D 41 1.86 -10.63 2.15
N PRO D 42 1.40 -9.39 2.41
CA PRO D 42 0.04 -9.19 2.87
C PRO D 42 -1.00 -9.96 2.04
N LYS D 43 -0.84 -9.97 0.72
CA LYS D 43 -1.83 -10.61 -0.17
C LYS D 43 -2.03 -12.11 0.05
N ASP D 44 -1.01 -12.77 0.59
CA ASP D 44 -1.10 -14.20 0.92
C ASP D 44 -2.06 -14.45 2.08
N HIS D 45 -2.36 -13.40 2.83
CA HIS D 45 -3.05 -13.53 4.10
C HIS D 45 -4.25 -12.60 4.16
N VAL D 46 -4.90 -12.40 3.01
CA VAL D 46 -6.03 -11.50 2.89
C VAL D 46 -7.03 -11.71 4.04
N ASN D 47 -7.61 -12.89 4.15
CA ASN D 47 -8.65 -13.04 5.14
C ASN D 47 -8.22 -13.76 6.43
N HIS D 48 -6.95 -13.57 6.81
CA HIS D 48 -6.35 -14.37 7.88
C HIS D 48 -6.08 -13.62 9.18
N HIS D 49 -5.94 -14.39 10.26
CA HIS D 49 -5.63 -13.85 11.58
C HIS D 49 -4.11 -13.82 11.77
N VAL D 50 -3.54 -12.62 11.69
CA VAL D 50 -2.09 -12.44 11.72
C VAL D 50 -1.67 -11.70 12.98
N CYS D 51 -0.63 -12.21 13.63
CA CYS D 51 -0.09 -11.55 14.82
C CYS D 51 1.36 -11.15 14.56
N THR D 52 1.71 -9.93 14.97
CA THR D 52 3.11 -9.50 14.94
C THR D 52 3.68 -9.55 16.36
N ASP D 53 4.80 -10.25 16.50
CA ASP D 53 5.54 -10.29 17.75
C ASP D 53 6.82 -9.49 17.56
N ILE D 54 7.47 -9.15 18.66
CA ILE D 54 8.70 -8.36 18.61
C ILE D 54 9.82 -9.21 19.21
N CYS D 55 10.93 -9.32 18.47
CA CYS D 55 12.06 -10.16 18.88
C CYS D 55 12.64 -9.68 20.22
N THR D 56 12.83 -10.62 21.13
CA THR D 56 13.49 -10.33 22.41
C THR D 56 14.68 -11.25 22.53
N GLU D 57 15.36 -11.21 23.68
CA GLU D 57 16.53 -12.04 23.88
C GLU D 57 16.18 -13.53 23.87
N PHE D 58 14.93 -13.84 24.18
CA PHE D 58 14.49 -15.24 24.28
C PHE D 58 13.96 -15.77 22.94
N THR D 59 13.72 -14.88 22.00
CA THR D 59 13.20 -15.28 20.69
C THR D 59 14.07 -16.35 20.07
N SER D 60 13.46 -17.51 19.90
CA SER D 60 14.07 -18.62 19.23
C SER D 60 13.46 -18.67 17.84
N GLY D 61 14.24 -19.16 16.89
CA GLY D 61 13.69 -19.40 15.59
C GLY D 61 14.04 -18.38 14.53
N ILE D 62 13.69 -18.76 13.32
CA ILE D 62 14.16 -18.10 12.14
C ILE D 62 12.99 -18.09 11.20
N CYS D 63 13.04 -17.17 10.25
CA CYS D 63 12.02 -17.08 9.21
C CYS D 63 11.88 -18.39 8.45
N ASP D 64 10.63 -18.84 8.30
CA ASP D 64 10.28 -20.10 7.65
C ASP D 64 9.82 -19.98 6.20
N CYS D 65 9.91 -18.77 5.64
CA CYS D 65 9.54 -18.55 4.24
C CYS D 65 10.38 -19.50 3.37
N GLY D 66 9.71 -20.23 2.48
CA GLY D 66 10.41 -21.07 1.51
C GLY D 66 10.64 -22.50 1.96
N ASP D 67 10.39 -22.74 3.24
CA ASP D 67 10.37 -24.07 3.81
C ASP D 67 8.93 -24.53 3.72
N GLU D 68 8.63 -25.27 2.65
CA GLU D 68 7.26 -25.67 2.34
C GLU D 68 6.64 -26.54 3.45
N GLU D 69 7.50 -27.14 4.27
CA GLU D 69 7.07 -27.99 5.40
C GLU D 69 6.34 -27.18 6.48
N ALA D 70 6.55 -25.86 6.47
CA ALA D 70 5.97 -24.97 7.48
C ALA D 70 4.59 -24.41 7.11
N TRP D 71 4.17 -24.58 5.85
CA TRP D 71 2.98 -23.86 5.35
C TRP D 71 1.88 -24.73 4.74
N ASN D 72 0.63 -24.31 4.94
CA ASN D 72 -0.54 -25.00 4.39
C ASN D 72 -0.89 -24.52 2.97
N SER D 73 -0.31 -23.40 2.59
CA SER D 73 -0.56 -22.81 1.27
C SER D 73 0.75 -22.34 0.67
N PRO D 74 0.83 -22.28 -0.68
CA PRO D 74 1.97 -21.66 -1.35
C PRO D 74 2.07 -20.17 -1.04
N LEU D 75 3.19 -19.76 -0.44
CA LEU D 75 3.41 -18.36 -0.14
C LEU D 75 4.16 -17.72 -1.29
N HIS D 76 3.97 -16.43 -1.45
CA HIS D 76 4.66 -15.66 -2.47
C HIS D 76 5.53 -14.64 -1.76
N CYS D 77 6.78 -15.02 -1.55
CA CYS D 77 7.76 -14.21 -0.83
C CYS D 77 7.73 -12.78 -1.35
N LYS D 78 7.64 -11.82 -0.42
CA LYS D 78 7.57 -10.42 -0.80
C LYS D 78 8.83 -9.98 -1.53
N ALA D 79 9.97 -10.57 -1.18
CA ALA D 79 11.24 -10.22 -1.80
C ALA D 79 11.25 -10.53 -3.30
N GLU D 80 10.31 -11.39 -3.72
CA GLU D 80 10.22 -11.86 -5.10
C GLU D 80 9.25 -11.04 -5.94
N GLU D 81 8.51 -10.14 -5.29
CA GLU D 81 7.63 -9.21 -5.98
C GLU D 81 8.44 -8.26 -6.84
N GLN D 82 7.93 -7.96 -8.03
CA GLN D 82 8.51 -6.94 -8.89
C GLN D 82 7.79 -5.65 -8.54
N ARG E 1 3.12 10.49 -3.93
CA ARG E 1 3.88 10.85 -2.70
C ARG E 1 4.78 9.71 -2.24
N GLU E 2 5.74 10.03 -1.39
CA GLU E 2 6.54 9.02 -0.72
C GLU E 2 6.90 9.55 0.66
N ALA E 3 6.55 8.76 1.66
CA ALA E 3 6.89 9.10 3.04
C ALA E 3 7.39 7.85 3.72
N ALA E 4 8.72 7.69 3.77
CA ALA E 4 9.36 6.55 4.43
C ALA E 4 9.00 6.46 5.91
ZN ZN F . -6.00 2.68 -14.08
ZN ZN G . -4.46 -0.78 -16.28
ZN ZN H . -12.04 -9.77 -9.20
ZN ZN I . -10.99 3.66 10.17
ZN ZN J . -8.38 7.22 10.28
ZN ZN K . 0.89 0.83 18.44
ZN ZN L . 6.85 10.74 -13.19
ZN ZN M . 5.75 14.27 -15.65
ZN ZN N . 12.28 23.12 -7.67
ZN ZN O . 12.22 -14.23 5.69
ZN ZN P . 10.76 -15.26 1.65
ZN ZN Q . -2.08 -16.64 5.95
#